data_3C27
#
_entry.id   3C27
#
_cell.length_a   70.854
_cell.length_b   72.026
_cell.length_c   72.987
_cell.angle_alpha   90.000
_cell.angle_beta   100.500
_cell.angle_gamma   90.000
#
_symmetry.space_group_name_H-M   'C 1 2 1'
#
loop_
_entity.id
_entity.type
_entity.pdbx_description
1 polymer 'Thrombin light chain'
2 polymer 'Thrombin heavy chain'
3 polymer Hirudin-3A
4 non-polymer N-[2-(carbamimidamidooxy)ethyl]-2-{6-cyano-3-[(2,2-difluoro-2-pyridin-2-ylethyl)amino]-2-fluorophenyl}acetamide
5 water water
#
loop_
_entity_poly.entity_id
_entity_poly.type
_entity_poly.pdbx_seq_one_letter_code
_entity_poly.pdbx_strand_id
1 'polypeptide(L)' ADCGLRPLFEKKSLEDKTERELLESY A
2 'polypeptide(L)'
;IVEGSDAEIGMSPWQVMLFRKSPQELLCGASLISDRWVLTAAHCLLYPPWDKNFTENDLLVRIGKHSRTRYERNIEKISM
LEKIYIHPRYNWRENLDRDIALMKLKKPVAFSDYIHPVCLPDRETAASLLQAGYKGRVTGWGNLKETWTANVGKGQPSVL
QVVNLPIVERPVCKDSTRIRITDNMFCAGYKPDEGKRGDACEGDSGGPFVMKSPFNNRWYQMGIVSWGEGCDRDGKYGFY
THVFRLKKWIQKVIDQFGE
;
B
3 'polypeptide(L)' DFEEIPEEYLQ H
#
loop_
_chem_comp.id
_chem_comp.type
_chem_comp.name
_chem_comp.formula
DKK non-polymer N-[2-(carbamimidamidooxy)ethyl]-2-{6-cyano-3-[(2,2-difluoro-2-pyridin-2-ylethyl)amino]-2-fluorophenyl}acetamide 'C19 H20 F3 N7 O2'
#
# COMPACT_ATOMS: atom_id res chain seq x y z
N ALA A 1 2.84 -18.19 -3.64
CA ALA A 1 2.54 -19.25 -4.60
C ALA A 1 2.89 -18.77 -6.01
N ASP A 2 1.90 -18.17 -6.66
CA ASP A 2 2.12 -17.46 -7.90
C ASP A 2 2.29 -15.95 -7.62
N CYS A 3 2.68 -15.61 -6.40
CA CYS A 3 2.68 -14.23 -5.97
C CYS A 3 3.64 -13.34 -6.79
N GLY A 4 3.26 -12.08 -6.94
CA GLY A 4 4.14 -11.05 -7.50
C GLY A 4 4.38 -11.15 -8.99
N LEU A 5 3.66 -12.03 -9.67
CA LEU A 5 3.75 -12.17 -11.10
C LEU A 5 2.43 -11.75 -11.72
N ARG A 6 2.43 -10.57 -12.35
CA ARG A 6 1.20 -10.00 -12.91
C ARG A 6 0.74 -10.67 -14.22
N PRO A 7 -0.54 -11.07 -14.28
CA PRO A 7 -1.12 -11.66 -15.50
C PRO A 7 -0.86 -10.84 -16.76
N LEU A 8 -0.95 -9.51 -16.69
CA LEU A 8 -0.81 -8.72 -17.91
C LEU A 8 0.62 -8.28 -18.20
N PHE A 9 1.55 -8.65 -17.34
CA PHE A 9 2.94 -8.24 -17.55
C PHE A 9 3.90 -9.43 -17.47
N GLU A 10 4.46 -9.72 -16.29
CA GLU A 10 5.45 -10.81 -16.16
C GLU A 10 5.00 -12.09 -16.85
N LYS A 11 3.72 -12.45 -16.67
CA LYS A 11 3.22 -13.70 -17.21
C LYS A 11 3.17 -13.68 -18.75
N LYS A 12 3.21 -12.49 -19.35
CA LYS A 12 3.22 -12.38 -20.81
C LYS A 12 4.58 -11.92 -21.30
N SER A 13 5.50 -11.77 -20.36
CA SER A 13 6.80 -11.17 -20.65
C SER A 13 6.63 -9.76 -21.25
N LEU A 14 5.74 -8.97 -20.68
CA LEU A 14 5.59 -7.58 -21.05
C LEU A 14 6.02 -6.73 -19.86
N GLU A 15 6.59 -5.57 -20.13
CA GLU A 15 7.10 -4.71 -19.09
C GLU A 15 6.20 -3.51 -19.01
N ASP A 16 5.91 -3.03 -17.81
CA ASP A 16 5.22 -1.76 -17.66
C ASP A 16 6.15 -0.57 -17.94
N LYS A 17 5.58 0.61 -18.13
CA LYS A 17 6.34 1.79 -18.55
C LYS A 17 7.51 2.25 -17.68
N THR A 18 7.48 2.04 -16.35
CA THR A 18 8.55 2.64 -15.51
C THR A 18 9.27 1.60 -14.68
N GLU A 19 8.95 0.34 -14.94
CA GLU A 19 9.52 -0.80 -14.26
C GLU A 19 11.04 -0.73 -14.31
N ARG A 20 11.56 -0.40 -15.49
CA ARG A 20 12.99 -0.28 -15.75
C ARG A 20 13.73 0.65 -14.78
N GLU A 21 13.07 1.73 -14.37
CA GLU A 21 13.65 2.68 -13.43
C GLU A 21 14.00 2.01 -12.09
N LEU A 22 13.18 1.07 -11.66
CA LEU A 22 13.43 0.38 -10.41
C LEU A 22 14.68 -0.50 -10.54
N LEU A 23 14.71 -1.32 -11.58
CA LEU A 23 15.79 -2.28 -11.74
C LEU A 23 17.13 -1.58 -11.98
N GLU A 24 17.09 -0.42 -12.61
CA GLU A 24 18.32 0.31 -12.85
C GLU A 24 18.89 0.88 -11.54
N SER A 25 18.05 1.04 -10.54
CA SER A 25 18.48 1.62 -9.26
C SER A 25 19.15 0.57 -8.35
N TYR A 26 18.99 -0.72 -8.69
CA TYR A 26 19.52 -1.80 -7.85
C TYR A 26 20.97 -2.13 -8.20
N ILE B 1 -1.40 10.39 -4.24
CA ILE B 1 -0.04 10.43 -4.77
C ILE B 1 0.25 11.79 -5.39
N VAL B 2 1.33 12.42 -4.95
CA VAL B 2 1.76 13.70 -5.49
C VAL B 2 2.89 13.49 -6.50
N GLU B 3 2.81 14.17 -7.65
CA GLU B 3 3.80 14.05 -8.74
C GLU B 3 3.91 12.63 -9.29
N GLY B 4 2.80 11.91 -9.30
CA GLY B 4 2.77 10.58 -9.89
C GLY B 4 2.23 10.61 -11.30
N SER B 5 1.89 9.43 -11.82
CA SER B 5 1.33 9.26 -13.16
C SER B 5 0.22 8.24 -13.06
N ASP B 6 -0.66 8.26 -14.06
CA ASP B 6 -1.72 7.26 -14.18
C ASP B 6 -1.11 5.88 -14.30
N ALA B 7 -1.55 4.95 -13.47
CA ALA B 7 -1.11 3.57 -13.57
C ALA B 7 -1.63 2.97 -14.88
N GLU B 8 -0.99 1.92 -15.37
CA GLU B 8 -1.52 1.14 -16.49
C GLU B 8 -2.51 0.10 -15.96
N ILE B 9 -3.44 -0.33 -16.81
CA ILE B 9 -4.40 -1.35 -16.43
C ILE B 9 -3.65 -2.62 -16.00
N GLY B 10 -3.98 -3.17 -14.84
CA GLY B 10 -3.33 -4.39 -14.34
C GLY B 10 -1.89 -4.22 -13.85
N MET B 11 -1.42 -2.99 -13.77
CA MET B 11 -0.07 -2.69 -13.30
C MET B 11 0.17 -3.07 -11.81
N SER B 12 -0.89 -3.02 -11.03
CA SER B 12 -0.77 -3.21 -9.60
C SER B 12 -1.98 -4.02 -9.14
N PRO B 13 -2.06 -5.29 -9.55
CA PRO B 13 -3.26 -6.11 -9.34
C PRO B 13 -3.46 -6.52 -7.88
N TRP B 14 -2.52 -6.20 -7.00
CA TRP B 14 -2.67 -6.47 -5.56
C TRP B 14 -3.25 -5.25 -4.82
N GLN B 15 -3.43 -4.15 -5.53
CA GLN B 15 -3.95 -2.91 -4.95
C GLN B 15 -5.41 -3.06 -4.54
N VAL B 16 -5.71 -2.65 -3.31
CA VAL B 16 -7.04 -2.81 -2.76
C VAL B 16 -7.50 -1.44 -2.34
N MET B 17 -8.78 -1.14 -2.55
CA MET B 17 -9.35 0.10 -2.05
C MET B 17 -10.18 -0.19 -0.80
N LEU B 18 -9.88 0.54 0.27
CA LEU B 18 -10.69 0.43 1.49
C LEU B 18 -11.82 1.43 1.38
N PHE B 19 -13.04 0.93 1.39
CA PHE B 19 -14.21 1.75 1.07
C PHE B 19 -15.22 1.80 2.20
N ARG B 20 -15.52 3.02 2.67
CA ARG B 20 -16.47 3.21 3.76
C ARG B 20 -17.92 3.06 3.26
N LYS B 21 -18.72 2.28 3.98
CA LYS B 21 -20.11 2.02 3.62
C LYS B 21 -20.98 3.28 3.62
N SER B 22 -20.94 4.05 4.70
CA SER B 22 -21.67 5.32 4.76
C SER B 22 -21.05 6.31 5.74
N PRO B 23 -20.79 7.53 5.26
CA PRO B 23 -21.00 7.91 3.86
C PRO B 23 -20.06 7.11 2.95
N GLN B 24 -20.45 6.94 1.69
CA GLN B 24 -19.61 6.23 0.73
C GLN B 24 -18.39 7.06 0.40
N GLU B 25 -17.21 6.62 0.83
CA GLU B 25 -15.97 7.32 0.54
C GLU B 25 -14.74 6.41 0.61
N LEU B 26 -13.68 6.83 -0.08
CA LEU B 26 -12.39 6.18 -0.03
C LEU B 26 -11.81 6.35 1.36
N LEU B 27 -11.42 5.26 2.00
CA LEU B 27 -10.81 5.32 3.32
C LEU B 27 -9.29 5.26 3.26
N CYS B 28 -8.78 4.36 2.41
CA CYS B 28 -7.37 4.00 2.46
C CYS B 28 -7.08 3.02 1.33
N GLY B 29 -5.79 2.82 1.06
CA GLY B 29 -5.35 1.72 0.22
C GLY B 29 -5.06 0.51 1.08
N ALA B 30 -4.73 -0.59 0.41
CA ALA B 30 -4.42 -1.82 1.10
C ALA B 30 -3.84 -2.69 0.01
N SER B 31 -3.46 -3.93 0.35
CA SER B 31 -2.88 -4.84 -0.62
C SER B 31 -3.35 -6.26 -0.34
N LEU B 32 -3.45 -7.04 -1.41
CA LEU B 32 -3.90 -8.41 -1.37
C LEU B 32 -2.68 -9.32 -1.29
N ILE B 33 -2.62 -10.17 -0.26
CA ILE B 33 -1.43 -11.00 -0.06
C ILE B 33 -1.77 -12.49 -0.17
N SER B 34 -3.07 -12.81 -0.26
CA SER B 34 -3.52 -14.17 -0.62
C SER B 34 -4.98 -14.04 -1.06
N ASP B 35 -5.64 -15.17 -1.35
CA ASP B 35 -7.03 -15.11 -1.80
C ASP B 35 -7.98 -14.66 -0.68
N ARG B 36 -7.47 -14.57 0.54
CA ARG B 36 -8.31 -14.33 1.69
C ARG B 36 -7.82 -13.22 2.67
N TRP B 37 -6.58 -12.75 2.49
CA TRP B 37 -5.98 -11.80 3.43
C TRP B 37 -5.57 -10.49 2.76
N VAL B 38 -5.88 -9.40 3.46
CA VAL B 38 -5.57 -8.07 2.98
C VAL B 38 -4.72 -7.36 4.01
N LEU B 39 -3.67 -6.70 3.54
CA LEU B 39 -2.73 -6.04 4.42
C LEU B 39 -2.87 -4.53 4.28
N THR B 40 -2.93 -3.83 5.42
CA THR B 40 -3.06 -2.38 5.41
C THR B 40 -2.38 -1.75 6.64
N ALA B 41 -2.55 -0.45 6.81
CA ALA B 41 -1.95 0.28 7.94
C ALA B 41 -2.98 0.35 9.07
N ALA B 42 -2.50 0.22 10.32
CA ALA B 42 -3.38 0.31 11.51
C ALA B 42 -4.12 1.65 11.60
N HIS B 43 -3.44 2.73 11.24
CA HIS B 43 -4.02 4.05 11.41
C HIS B 43 -5.22 4.27 10.48
N CYS B 44 -5.34 3.42 9.47
CA CYS B 44 -6.51 3.39 8.59
C CYS B 44 -7.78 3.00 9.35
N LEU B 45 -7.62 2.15 10.36
CA LEU B 45 -8.76 1.63 11.11
C LEU B 45 -8.89 2.29 12.48
N LEU B 46 -7.75 2.52 13.12
CA LEU B 46 -7.75 2.94 14.48
C LEU B 46 -6.80 4.10 14.70
N TYR B 47 -7.36 5.26 15.03
CA TYR B 47 -6.55 6.42 15.40
C TYR B 47 -7.36 7.37 16.30
N PRO B 48 -7.38 7.08 17.61
CA PRO B 48 -8.18 7.81 18.60
C PRO B 48 -8.06 9.36 18.60
N PRO B 49 -6.88 9.92 18.32
CA PRO B 49 -6.82 11.39 18.26
C PRO B 49 -7.75 12.05 17.22
N TRP B 50 -8.26 11.29 16.27
CA TRP B 50 -9.22 11.80 15.30
C TRP B 50 -10.53 11.04 15.42
N ASP B 51 -10.74 10.42 16.58
CA ASP B 51 -11.94 9.62 16.79
C ASP B 51 -12.15 8.63 15.66
N LYS B 52 -11.05 8.03 15.21
CA LYS B 52 -11.17 7.01 14.18
C LYS B 52 -11.11 5.61 14.81
N ASN B 53 -12.16 4.83 14.60
CA ASN B 53 -12.20 3.47 15.12
C ASN B 53 -13.19 2.60 14.34
N PHE B 54 -12.78 2.12 13.16
CA PHE B 54 -13.69 1.33 12.32
C PHE B 54 -13.72 -0.14 12.70
N THR B 55 -14.87 -0.78 12.53
CA THR B 55 -15.01 -2.22 12.75
C THR B 55 -15.24 -2.93 11.41
N GLU B 56 -15.17 -4.26 11.44
CA GLU B 56 -15.45 -5.09 10.28
C GLU B 56 -16.64 -4.61 9.46
N ASN B 57 -17.73 -4.25 10.13
CA ASN B 57 -18.97 -3.92 9.45
C ASN B 57 -19.07 -2.48 8.94
N ASP B 58 -18.05 -1.66 9.20
CA ASP B 58 -18.02 -0.31 8.65
C ASP B 58 -17.49 -0.28 7.20
N LEU B 59 -16.84 -1.37 6.79
CA LEU B 59 -15.99 -1.35 5.60
C LEU B 59 -16.29 -2.36 4.50
N LEU B 60 -15.89 -1.97 3.29
CA LEU B 60 -15.88 -2.86 2.15
C LEU B 60 -14.46 -2.81 1.58
N VAL B 61 -13.98 -3.95 1.08
CA VAL B 61 -12.76 -3.92 0.28
C VAL B 61 -13.14 -4.08 -1.20
N ARG B 62 -12.50 -3.27 -2.03
CA ARG B 62 -12.76 -3.30 -3.46
C ARG B 62 -11.48 -3.64 -4.22
N ILE B 63 -11.49 -4.81 -4.84
CA ILE B 63 -10.31 -5.36 -5.48
C ILE B 63 -10.42 -5.34 -7.00
N GLY B 64 -9.32 -4.99 -7.66
CA GLY B 64 -9.23 -5.07 -9.11
C GLY B 64 -9.62 -3.77 -9.79
N LYS B 65 -9.56 -2.67 -9.03
CA LYS B 65 -10.02 -1.37 -9.52
C LYS B 65 -8.97 -0.56 -10.25
N HIS B 66 -9.45 0.33 -11.10
CA HIS B 66 -8.59 1.28 -11.78
C HIS B 66 -9.10 2.69 -11.52
N SER B 67 -10.31 2.94 -12.00
CA SER B 67 -11.03 4.19 -11.74
C SER B 67 -11.29 4.32 -10.24
N ARG B 68 -11.06 5.50 -9.68
CA ARG B 68 -11.34 5.77 -8.27
C ARG B 68 -12.84 5.70 -7.91
N THR B 69 -13.69 6.34 -8.71
CA THR B 69 -15.10 6.53 -8.33
C THR B 69 -16.10 5.60 -9.02
N ARG B 70 -15.75 5.13 -10.21
CA ARG B 70 -16.63 4.26 -11.01
C ARG B 70 -16.86 2.93 -10.39
N TYR B 71 -18.05 2.40 -10.53
CA TYR B 71 -18.25 0.99 -10.17
C TYR B 71 -17.87 0.17 -11.39
N GLU B 72 -16.75 -0.54 -11.29
CA GLU B 72 -16.17 -1.14 -12.48
C GLU B 72 -16.76 -2.53 -12.74
N ARG B 73 -17.94 -2.50 -13.36
CA ARG B 73 -18.79 -3.66 -13.53
C ARG B 73 -18.09 -4.75 -14.31
N ASN B 74 -18.18 -5.98 -13.82
CA ASN B 74 -17.51 -7.14 -14.39
C ASN B 74 -15.98 -7.17 -14.21
N ILE B 75 -15.41 -6.15 -13.56
CA ILE B 75 -13.97 -6.06 -13.39
C ILE B 75 -13.59 -6.15 -11.91
N GLU B 76 -14.05 -5.19 -11.12
CA GLU B 76 -13.81 -5.25 -9.68
C GLU B 76 -14.63 -6.28 -8.91
N LYS B 77 -14.05 -6.75 -7.81
CA LYS B 77 -14.76 -7.58 -6.86
C LYS B 77 -14.88 -6.79 -5.54
N ILE B 78 -16.04 -6.89 -4.94
CA ILE B 78 -16.28 -6.21 -3.67
C ILE B 78 -16.39 -7.30 -2.60
N SER B 79 -15.78 -7.07 -1.45
CA SER B 79 -15.79 -8.08 -0.41
C SER B 79 -16.10 -7.51 0.95
N MET B 80 -16.63 -8.36 1.81
CA MET B 80 -16.87 -7.97 3.18
C MET B 80 -15.79 -8.55 4.06
N LEU B 81 -15.62 -7.93 5.22
CA LEU B 81 -14.60 -8.33 6.16
C LEU B 81 -15.16 -9.29 7.17
N GLU B 82 -14.41 -10.36 7.40
CA GLU B 82 -14.73 -11.27 8.47
C GLU B 82 -14.08 -10.80 9.78
N LYS B 83 -12.80 -10.44 9.75
CA LYS B 83 -12.09 -10.05 10.97
C LYS B 83 -10.90 -9.13 10.71
N ILE B 84 -10.79 -8.07 11.51
CA ILE B 84 -9.66 -7.15 11.48
C ILE B 84 -8.70 -7.47 12.62
N TYR B 85 -7.40 -7.43 12.36
CA TYR B 85 -6.39 -7.62 13.40
C TYR B 85 -5.40 -6.47 13.37
N ILE B 86 -5.30 -5.74 14.47
CA ILE B 86 -4.36 -4.63 14.57
C ILE B 86 -3.14 -5.13 15.35
N HIS B 87 -1.94 -4.68 15.00
CA HIS B 87 -0.80 -5.12 15.79
C HIS B 87 -1.02 -4.70 17.23
N PRO B 88 -0.78 -5.64 18.17
CA PRO B 88 -0.94 -5.38 19.61
C PRO B 88 -0.15 -4.17 20.10
N ARG B 89 0.98 -3.85 19.50
CA ARG B 89 1.84 -2.80 20.03
C ARG B 89 1.93 -1.60 19.10
N TYR B 90 0.94 -1.52 18.21
CA TYR B 90 0.71 -0.32 17.43
C TYR B 90 0.75 0.90 18.34
N ASN B 91 1.67 1.82 18.08
CA ASN B 91 1.82 3.02 18.90
C ASN B 91 1.15 4.25 18.28
N TRP B 92 -0.18 4.33 18.39
CA TRP B 92 -0.89 5.48 17.85
C TRP B 92 -0.70 6.71 18.71
N ARG B 93 -0.24 6.50 19.94
CA ARG B 93 -0.09 7.59 20.91
C ARG B 93 1.08 8.46 20.57
N GLU B 94 2.13 7.86 20.03
CA GLU B 94 3.38 8.58 19.84
C GLU B 94 3.76 8.79 18.37
N ASN B 95 4.07 7.71 17.65
CA ASN B 95 4.76 7.83 16.36
C ASN B 95 4.32 6.84 15.27
N LEU B 96 3.17 6.19 15.46
CA LEU B 96 2.65 5.21 14.50
C LEU B 96 3.60 4.02 14.31
N ASP B 97 4.39 3.75 15.33
CA ASP B 97 5.25 2.57 15.36
C ASP B 97 4.38 1.32 15.21
N ARG B 98 4.83 0.39 14.38
CA ARG B 98 4.09 -0.83 14.07
C ARG B 98 2.72 -0.54 13.45
N ASP B 99 2.71 0.33 12.44
CA ASP B 99 1.48 0.75 11.78
C ASP B 99 1.08 -0.34 10.78
N ILE B 100 0.44 -1.39 11.28
CA ILE B 100 0.12 -2.54 10.44
C ILE B 100 -1.16 -3.21 10.93
N ALA B 101 -1.95 -3.70 9.99
CA ALA B 101 -3.17 -4.42 10.30
C ALA B 101 -3.42 -5.47 9.22
N LEU B 102 -4.07 -6.57 9.60
CA LEU B 102 -4.48 -7.61 8.67
C LEU B 102 -6.00 -7.68 8.63
N MET B 103 -6.56 -8.04 7.47
CA MET B 103 -8.00 -8.16 7.32
C MET B 103 -8.36 -9.46 6.62
N LYS B 104 -9.12 -10.31 7.29
CA LYS B 104 -9.57 -11.56 6.70
C LYS B 104 -10.88 -11.30 5.99
N LEU B 105 -10.96 -11.68 4.72
CA LEU B 105 -12.18 -11.52 3.93
C LEU B 105 -13.21 -12.60 4.27
N LYS B 106 -14.49 -12.27 4.17
CA LYS B 106 -15.55 -13.25 4.39
C LYS B 106 -15.36 -14.48 3.52
N LYS B 107 -15.04 -14.27 2.24
CA LYS B 107 -14.86 -15.36 1.28
C LYS B 107 -13.63 -15.09 0.41
N PRO B 108 -12.94 -16.16 0.00
CA PRO B 108 -11.81 -16.04 -0.91
C PRO B 108 -12.21 -15.29 -2.17
N VAL B 109 -11.29 -14.49 -2.70
CA VAL B 109 -11.55 -13.76 -3.94
C VAL B 109 -10.93 -14.57 -5.07
N ALA B 110 -11.59 -14.59 -6.23
CA ALA B 110 -11.03 -15.25 -7.42
C ALA B 110 -10.05 -14.32 -8.11
N PHE B 111 -8.86 -14.86 -8.41
CA PHE B 111 -7.83 -14.11 -9.13
C PHE B 111 -8.22 -13.95 -10.58
N SER B 112 -7.73 -12.88 -11.21
CA SER B 112 -8.01 -12.61 -12.61
C SER B 112 -6.86 -11.80 -13.20
N ASP B 113 -7.04 -11.24 -14.38
CA ASP B 113 -6.04 -10.36 -14.98
C ASP B 113 -5.81 -9.12 -14.12
N TYR B 114 -6.81 -8.75 -13.32
CA TYR B 114 -6.79 -7.46 -12.60
C TYR B 114 -6.57 -7.59 -11.09
N ILE B 115 -6.52 -8.85 -10.63
CA ILE B 115 -6.58 -9.20 -9.22
C ILE B 115 -5.60 -10.31 -9.00
N HIS B 116 -4.58 -10.05 -8.19
CA HIS B 116 -3.48 -11.00 -8.03
C HIS B 116 -2.60 -10.57 -6.84
N PRO B 117 -2.15 -11.54 -6.02
CA PRO B 117 -1.53 -11.13 -4.76
C PRO B 117 -0.05 -10.79 -4.97
N VAL B 118 0.46 -9.93 -4.09
CA VAL B 118 1.85 -9.50 -4.15
C VAL B 118 2.59 -10.45 -3.18
N CYS B 119 3.90 -10.60 -3.33
CA CYS B 119 4.65 -11.43 -2.39
C CYS B 119 5.08 -10.68 -1.12
N LEU B 120 5.27 -11.42 -0.04
CA LEU B 120 5.87 -10.88 1.17
C LEU B 120 7.33 -11.29 1.18
N PRO B 121 8.21 -10.37 1.59
CA PRO B 121 9.65 -10.62 1.52
C PRO B 121 10.08 -11.66 2.56
N ASP B 122 11.12 -12.42 2.25
CA ASP B 122 11.80 -13.25 3.24
C ASP B 122 13.00 -12.43 3.68
N ARG B 123 13.78 -12.94 4.64
CA ARG B 123 14.92 -12.19 5.17
C ARG B 123 15.94 -11.80 4.09
N GLU B 124 16.21 -12.75 3.19
CA GLU B 124 17.21 -12.54 2.14
C GLU B 124 16.77 -11.44 1.17
N THR B 125 15.51 -11.50 0.76
CA THR B 125 14.99 -10.48 -0.14
C THR B 125 15.11 -9.09 0.52
N ALA B 126 14.64 -9.00 1.76
CA ALA B 126 14.71 -7.74 2.49
C ALA B 126 16.14 -7.24 2.58
N ALA B 127 17.07 -8.13 2.94
CA ALA B 127 18.47 -7.72 3.11
C ALA B 127 18.99 -7.18 1.79
N SER B 128 18.70 -7.91 0.74
CA SER B 128 19.16 -7.59 -0.60
C SER B 128 18.57 -6.28 -1.16
N LEU B 129 17.29 -6.03 -0.90
CA LEU B 129 16.59 -4.96 -1.62
C LEU B 129 16.40 -3.66 -0.84
N LEU B 130 16.33 -3.77 0.49
CA LEU B 130 16.09 -2.58 1.31
C LEU B 130 17.38 -1.82 1.55
N GLN B 131 17.81 -1.05 0.57
CA GLN B 131 19.04 -0.28 0.68
C GLN B 131 18.84 1.12 0.13
N ALA B 132 19.51 2.08 0.76
CA ALA B 132 19.50 3.48 0.34
C ALA B 132 19.79 3.57 -1.14
N GLY B 133 19.00 4.39 -1.85
CA GLY B 133 19.18 4.53 -3.28
C GLY B 133 18.30 3.62 -4.14
N TYR B 134 18.09 2.41 -3.68
CA TYR B 134 17.20 1.48 -4.38
C TYR B 134 15.76 2.05 -4.40
N LYS B 135 15.08 1.92 -5.53
CA LYS B 135 13.75 2.50 -5.69
C LYS B 135 12.62 1.48 -5.52
N GLY B 136 11.57 1.91 -4.82
CA GLY B 136 10.35 1.15 -4.76
C GLY B 136 9.23 1.95 -5.42
N ARG B 137 8.04 1.40 -5.44
CA ARG B 137 6.89 1.96 -6.12
C ARG B 137 5.69 2.06 -5.16
N VAL B 138 5.04 3.22 -5.17
CA VAL B 138 3.84 3.43 -4.39
C VAL B 138 2.68 3.75 -5.30
N THR B 139 1.52 3.20 -4.96
CA THR B 139 0.30 3.40 -5.74
C THR B 139 -0.82 3.84 -4.82
N GLY B 140 -1.81 4.56 -5.35
CA GLY B 140 -2.99 4.90 -4.58
C GLY B 140 -3.91 5.92 -5.23
N TRP B 141 -5.12 6.03 -4.70
CA TRP B 141 -6.10 6.98 -5.20
C TRP B 141 -6.14 8.25 -4.35
N GLY B 142 -5.08 8.47 -3.57
CA GLY B 142 -5.03 9.59 -2.65
C GLY B 142 -4.93 10.96 -3.33
N ASN B 143 -5.03 12.00 -2.51
CA ASN B 143 -4.82 13.36 -2.96
C ASN B 143 -3.59 13.55 -3.84
N LEU B 144 -3.73 14.43 -4.83
CA LEU B 144 -2.67 14.74 -5.78
C LEU B 144 -1.74 15.86 -5.28
N LYS B 145 -2.16 16.55 -4.23
CA LYS B 145 -1.34 17.61 -3.64
C LYS B 145 -1.73 17.81 -2.17
N GLU B 146 -0.88 18.47 -1.40
CA GLU B 146 -1.09 18.60 0.03
C GLU B 146 -2.36 19.41 0.37
N GLY B 155 -8.12 17.91 -7.54
CA GLY B 155 -7.35 17.56 -6.35
C GLY B 155 -7.33 16.06 -6.06
N GLN B 156 -8.23 15.32 -6.69
CA GLN B 156 -8.24 13.87 -6.55
C GLN B 156 -8.25 13.23 -7.94
N PRO B 157 -7.54 12.08 -8.09
CA PRO B 157 -7.30 11.51 -9.42
C PRO B 157 -8.55 10.76 -9.89
N SER B 158 -8.69 10.59 -11.20
CA SER B 158 -9.79 9.77 -11.69
C SER B 158 -9.37 8.32 -11.74
N VAL B 159 -8.07 8.11 -11.84
CA VAL B 159 -7.51 6.76 -12.01
C VAL B 159 -6.35 6.54 -11.00
N LEU B 160 -6.06 5.27 -10.70
CA LEU B 160 -4.98 4.91 -9.80
C LEU B 160 -3.67 5.58 -10.24
N GLN B 161 -2.98 6.18 -9.27
CA GLN B 161 -1.72 6.88 -9.50
C GLN B 161 -0.53 6.03 -9.05
N VAL B 162 0.60 6.24 -9.71
CA VAL B 162 1.81 5.49 -9.41
C VAL B 162 3.00 6.46 -9.30
N VAL B 163 3.93 6.16 -8.40
CA VAL B 163 5.18 6.92 -8.32
C VAL B 163 6.29 6.01 -7.81
N ASN B 164 7.50 6.18 -8.33
CA ASN B 164 8.67 5.43 -7.95
C ASN B 164 9.60 6.31 -7.10
N LEU B 165 10.09 5.79 -5.99
CA LEU B 165 10.86 6.59 -5.04
C LEU B 165 12.00 5.80 -4.46
N PRO B 166 13.13 6.47 -4.21
CA PRO B 166 14.27 5.80 -3.56
C PRO B 166 14.13 5.69 -2.03
N ILE B 167 14.61 4.57 -1.48
CA ILE B 167 14.80 4.39 -0.05
C ILE B 167 15.85 5.42 0.40
N VAL B 168 15.65 6.01 1.57
CA VAL B 168 16.58 7.05 2.05
C VAL B 168 17.38 6.54 3.26
N GLU B 169 18.64 6.96 3.37
CA GLU B 169 19.48 6.56 4.50
C GLU B 169 18.80 6.92 5.84
N ARG B 170 18.93 6.03 6.82
CA ARG B 170 18.30 6.18 8.14
C ARG B 170 18.59 7.52 8.86
N PRO B 171 19.87 7.97 8.88
CA PRO B 171 20.29 9.24 9.50
C PRO B 171 19.61 10.45 8.89
N VAL B 172 19.44 10.42 7.56
CA VAL B 172 18.70 11.45 6.85
C VAL B 172 17.23 11.41 7.23
N CYS B 173 16.67 10.20 7.39
CA CYS B 173 15.28 10.08 7.86
C CYS B 173 15.11 10.66 9.25
N LYS B 174 16.02 10.30 10.16
CA LYS B 174 15.99 10.81 11.53
C LYS B 174 16.10 12.34 11.60
N ASP B 175 17.07 12.90 10.89
CA ASP B 175 17.36 14.34 10.91
C ASP B 175 16.34 15.24 10.19
N SER B 176 15.34 14.64 9.55
CA SER B 176 14.31 15.41 8.85
C SER B 176 13.09 15.73 9.73
N THR B 177 13.02 15.11 10.90
CA THR B 177 11.79 15.19 11.67
C THR B 177 12.03 15.22 13.18
N ARG B 178 11.04 15.66 13.94
CA ARG B 178 11.13 15.62 15.39
C ARG B 178 10.52 14.36 15.96
N ILE B 179 9.77 13.65 15.11
CA ILE B 179 9.14 12.38 15.50
C ILE B 179 10.22 11.34 15.77
N ARG B 180 10.00 10.53 16.79
CA ARG B 180 10.94 9.44 17.08
C ARG B 180 10.77 8.25 16.13
N ILE B 181 11.83 7.99 15.35
CA ILE B 181 11.84 6.94 14.33
C ILE B 181 12.30 5.60 14.94
N THR B 182 11.68 4.49 14.54
CA THR B 182 12.05 3.19 15.07
C THR B 182 12.57 2.31 13.93
N ASP B 183 13.05 1.13 14.28
CA ASP B 183 13.46 0.09 13.33
C ASP B 183 12.27 -0.51 12.52
N ASN B 184 11.04 -0.22 12.95
CA ASN B 184 9.85 -0.71 12.21
C ASN B 184 9.40 0.25 11.14
N MET B 185 10.23 1.23 10.84
CA MET B 185 9.93 2.20 9.80
C MET B 185 11.13 2.32 8.88
N PHE B 186 10.88 2.73 7.63
CA PHE B 186 11.90 3.31 6.76
C PHE B 186 11.30 4.53 6.07
N CYS B 187 12.13 5.41 5.52
CA CYS B 187 11.57 6.54 4.79
C CYS B 187 12.05 6.53 3.35
N ALA B 188 11.26 7.15 2.49
CA ALA B 188 11.54 7.16 1.06
C ALA B 188 11.14 8.50 0.45
N GLY B 189 11.81 8.89 -0.63
CA GLY B 189 11.56 10.16 -1.28
C GLY B 189 12.85 10.73 -1.83
N TYR B 190 12.73 11.76 -2.65
CA TYR B 190 13.90 12.43 -3.17
C TYR B 190 14.38 13.53 -2.21
N LYS B 191 15.70 13.69 -2.13
CA LYS B 191 16.31 14.84 -1.44
C LYS B 191 15.92 16.09 -2.21
N PRO B 192 15.98 17.27 -1.56
CA PRO B 192 15.61 18.50 -2.25
C PRO B 192 16.61 18.84 -3.36
N ASP B 193 17.82 18.29 -3.27
CA ASP B 193 18.85 18.55 -4.28
C ASP B 193 18.65 17.69 -5.52
N GLU B 194 17.94 16.58 -5.37
CA GLU B 194 17.83 15.58 -6.42
C GLU B 194 16.96 16.02 -7.58
N GLY B 195 16.21 17.10 -7.40
CA GLY B 195 15.46 17.66 -8.50
C GLY B 195 14.37 16.80 -9.11
N LYS B 196 13.99 15.72 -8.43
CA LYS B 196 12.77 15.00 -8.78
C LYS B 196 11.90 14.99 -7.54
N ARG B 197 10.60 14.85 -7.71
CA ARG B 197 9.67 14.90 -6.59
C ARG B 197 8.82 13.63 -6.49
N GLY B 198 7.91 13.63 -5.52
CA GLY B 198 6.97 12.53 -5.38
C GLY B 198 6.79 12.15 -3.92
N ASP B 199 5.57 11.76 -3.58
CA ASP B 199 5.24 11.34 -2.23
C ASP B 199 3.86 10.72 -2.27
N ALA B 200 3.57 9.85 -1.29
CA ALA B 200 2.21 9.50 -0.98
C ALA B 200 1.57 10.69 -0.29
N CYS B 201 0.27 10.60 -0.02
CA CYS B 201 -0.42 11.70 0.61
C CYS B 201 -1.68 11.13 1.25
N GLU B 202 -2.57 12.02 1.70
CA GLU B 202 -3.81 11.62 2.32
C GLU B 202 -4.57 10.69 1.36
N GLY B 203 -5.15 9.61 1.88
CA GLY B 203 -5.89 8.67 1.03
C GLY B 203 -5.05 7.50 0.51
N ASP B 204 -3.73 7.70 0.49
CA ASP B 204 -2.77 6.67 0.08
C ASP B 204 -2.39 5.71 1.20
N SER B 205 -2.62 6.13 2.44
CA SER B 205 -2.32 5.36 3.65
C SER B 205 -2.73 3.93 3.47
N GLY B 206 -1.92 3.02 4.02
CA GLY B 206 -2.22 1.60 3.97
C GLY B 206 -1.91 0.94 2.64
N GLY B 207 -1.53 1.75 1.64
CA GLY B 207 -1.15 1.18 0.35
C GLY B 207 0.23 0.55 0.37
N PRO B 208 0.56 -0.22 -0.69
CA PRO B 208 1.81 -0.97 -0.76
C PRO B 208 3.01 -0.16 -1.28
N PHE B 209 4.16 -0.28 -0.61
CA PHE B 209 5.43 0.13 -1.20
C PHE B 209 6.09 -1.16 -1.72
N VAL B 210 6.17 -1.31 -3.04
CA VAL B 210 6.65 -2.56 -3.62
C VAL B 210 7.96 -2.41 -4.37
N MET B 211 8.72 -3.51 -4.47
CA MET B 211 9.96 -3.56 -5.26
C MET B 211 9.97 -4.84 -6.10
N LYS B 212 10.59 -4.78 -7.27
CA LYS B 212 10.65 -5.98 -8.10
C LYS B 212 12.00 -6.66 -7.93
N SER B 213 11.98 -7.91 -7.50
CA SER B 213 13.22 -8.68 -7.31
C SER B 213 13.96 -8.91 -8.63
N PRO B 214 15.22 -8.46 -8.70
CA PRO B 214 16.00 -8.73 -9.91
C PRO B 214 16.40 -10.22 -10.01
N PHE B 215 16.31 -10.95 -8.91
CA PHE B 215 16.70 -12.37 -8.89
C PHE B 215 15.64 -13.30 -9.44
N ASN B 216 14.36 -13.02 -9.14
CA ASN B 216 13.31 -13.93 -9.59
C ASN B 216 12.14 -13.25 -10.30
N ASN B 217 12.28 -11.94 -10.53
CA ASN B 217 11.29 -11.12 -11.27
C ASN B 217 9.93 -10.96 -10.63
N ARG B 218 9.88 -11.24 -9.33
CA ARG B 218 8.65 -11.13 -8.55
C ARG B 218 8.55 -9.81 -7.82
N TRP B 219 7.33 -9.32 -7.72
CA TRP B 219 7.05 -8.12 -6.94
C TRP B 219 6.84 -8.48 -5.48
N TYR B 220 7.52 -7.74 -4.61
CA TYR B 220 7.44 -7.97 -3.17
C TYR B 220 7.03 -6.70 -2.49
N GLN B 221 6.13 -6.79 -1.52
CA GLN B 221 5.79 -5.63 -0.72
C GLN B 221 6.79 -5.41 0.42
N MET B 222 7.54 -4.31 0.39
CA MET B 222 8.56 -4.05 1.42
C MET B 222 8.00 -3.12 2.50
N GLY B 223 7.02 -2.32 2.13
CA GLY B 223 6.53 -1.25 2.98
C GLY B 223 5.03 -1.03 2.92
N ILE B 224 4.50 -0.31 3.91
CA ILE B 224 3.09 0.12 3.90
C ILE B 224 3.08 1.61 4.09
N VAL B 225 2.39 2.33 3.21
CA VAL B 225 2.25 3.78 3.34
C VAL B 225 1.77 4.06 4.78
N SER B 226 2.54 4.85 5.51
CA SER B 226 2.26 5.08 6.92
C SER B 226 1.98 6.55 7.17
N TRP B 227 3.04 7.36 7.30
CA TRP B 227 2.85 8.77 7.67
C TRP B 227 3.86 9.68 7.03
N GLY B 228 3.55 10.97 7.10
CA GLY B 228 4.48 12.01 6.69
C GLY B 228 4.03 13.33 7.30
N GLU B 229 4.80 14.38 7.07
CA GLU B 229 4.40 15.71 7.50
C GLU B 229 4.09 16.50 6.25
N GLY B 230 2.81 16.77 6.02
CA GLY B 230 2.38 17.26 4.74
C GLY B 230 2.58 16.19 3.67
N CYS B 231 2.69 16.62 2.41
CA CYS B 231 2.95 15.72 1.30
C CYS B 231 3.92 16.38 0.35
N ASP B 232 4.96 15.64 -0.03
CA ASP B 232 5.93 16.13 -1.00
C ASP B 232 6.54 17.49 -0.61
N ARG B 233 6.77 17.69 0.69
CA ARG B 233 7.52 18.87 1.12
C ARG B 233 9.02 18.66 0.94
N ASP B 234 9.73 19.71 0.53
CA ASP B 234 11.19 19.65 0.46
C ASP B 234 11.76 19.35 1.83
N GLY B 235 12.70 18.40 1.86
CA GLY B 235 13.43 18.09 3.09
C GLY B 235 12.62 17.25 4.05
N LYS B 236 11.44 16.79 3.60
CA LYS B 236 10.63 15.85 4.35
C LYS B 236 10.47 14.56 3.54
N TYR B 237 10.19 13.45 4.22
CA TYR B 237 10.12 12.16 3.56
C TYR B 237 8.86 11.37 3.93
N GLY B 238 8.45 10.46 3.05
CA GLY B 238 7.38 9.56 3.37
C GLY B 238 7.91 8.48 4.28
N PHE B 239 7.12 8.10 5.28
CA PHE B 239 7.49 6.98 6.13
C PHE B 239 6.61 5.75 5.87
N TYR B 240 7.24 4.59 5.88
CA TYR B 240 6.63 3.32 5.53
C TYR B 240 6.82 2.32 6.64
N THR B 241 5.77 1.54 6.91
CA THR B 241 5.92 0.45 7.85
C THR B 241 6.88 -0.60 7.25
N HIS B 242 7.82 -1.07 8.05
CA HIS B 242 8.80 -2.04 7.60
C HIS B 242 8.20 -3.43 7.69
N VAL B 243 7.73 -3.94 6.55
CA VAL B 243 6.97 -5.18 6.54
C VAL B 243 7.76 -6.39 7.01
N PHE B 244 8.98 -6.57 6.53
CA PHE B 244 9.69 -7.77 6.93
C PHE B 244 9.91 -7.82 8.44
N ARG B 245 10.20 -6.67 9.05
CA ARG B 245 10.39 -6.60 10.49
C ARG B 245 9.18 -7.10 11.27
N LEU B 246 7.98 -7.00 10.70
CA LEU B 246 6.77 -7.39 11.41
C LEU B 246 6.25 -8.72 10.86
N LYS B 247 7.11 -9.46 10.18
CA LYS B 247 6.64 -10.64 9.47
C LYS B 247 6.22 -11.78 10.40
N LYS B 248 6.91 -11.90 11.54
CA LYS B 248 6.56 -12.96 12.48
C LYS B 248 5.18 -12.71 13.08
N TRP B 249 4.84 -11.44 13.31
CA TRP B 249 3.48 -11.13 13.74
C TRP B 249 2.47 -11.49 12.66
N ILE B 250 2.82 -11.22 11.40
CA ILE B 250 1.95 -11.55 10.29
C ILE B 250 1.73 -13.06 10.18
N GLN B 251 2.82 -13.82 10.25
CA GLN B 251 2.73 -15.27 10.09
C GLN B 251 1.93 -15.86 11.23
N LYS B 252 2.16 -15.33 12.42
CA LYS B 252 1.46 -15.74 13.62
C LYS B 252 -0.06 -15.60 13.45
N VAL B 253 -0.51 -14.40 13.11
CA VAL B 253 -1.93 -14.17 12.88
C VAL B 253 -2.51 -15.11 11.82
N ILE B 254 -1.76 -15.34 10.76
CA ILE B 254 -2.33 -16.03 9.61
C ILE B 254 -2.52 -17.54 9.85
N ASP B 255 -1.50 -18.21 10.34
CA ASP B 255 -1.64 -19.65 10.55
C ASP B 255 -2.32 -19.97 11.89
N GLN B 256 -2.64 -18.94 12.66
CA GLN B 256 -3.45 -19.11 13.87
C GLN B 256 -4.95 -18.88 13.62
N PHE B 257 -5.28 -18.00 12.69
CA PHE B 257 -6.68 -17.68 12.37
C PHE B 257 -7.02 -17.97 10.92
N ASP C 1 -20.03 11.96 -5.75
CA ASP C 1 -18.78 11.73 -6.48
C ASP C 1 -18.61 10.26 -6.82
N PHE C 2 -18.84 9.39 -5.84
CA PHE C 2 -18.70 7.96 -6.07
C PHE C 2 -19.94 7.36 -6.68
N GLU C 3 -19.76 6.62 -7.76
CA GLU C 3 -20.86 5.87 -8.36
C GLU C 3 -21.38 4.86 -7.33
N GLU C 4 -22.70 4.73 -7.26
CA GLU C 4 -23.29 3.84 -6.27
C GLU C 4 -22.87 2.43 -6.63
N ILE C 5 -22.72 1.59 -5.62
CA ILE C 5 -22.39 0.20 -5.86
C ILE C 5 -23.66 -0.64 -5.76
N PRO C 6 -23.68 -1.84 -6.38
CA PRO C 6 -24.82 -2.75 -6.21
C PRO C 6 -24.97 -3.06 -4.72
N GLU C 7 -26.15 -3.43 -4.27
CA GLU C 7 -26.54 -3.13 -2.88
C GLU C 7 -26.64 -4.33 -1.93
N GLU C 8 -26.63 -5.50 -2.53
CA GLU C 8 -25.89 -6.64 -2.05
C GLU C 8 -24.91 -6.23 -0.92
N TYR C 9 -24.04 -5.25 -1.23
CA TYR C 9 -22.86 -4.94 -0.42
C TYR C 9 -23.02 -3.93 0.71
N LEU C 10 -24.07 -3.13 0.68
CA LEU C 10 -24.26 -2.12 1.72
C LEU C 10 -24.97 -2.71 2.94
N GLN C 11 -24.56 -3.93 3.30
CA GLN C 11 -25.10 -4.64 4.46
C GLN C 11 -24.30 -4.35 5.72
C1 DKK D . 3.01 11.20 3.32
O5 DKK D . 1.60 9.74 4.52
C7 DKK D . -0.75 9.77 4.95
C9 DKK D . -1.40 9.96 7.40
C11 DKK D . -1.28 9.33 8.82
C12 DKK D . -0.89 10.41 9.86
C13 DKK D . -1.62 10.44 11.07
C14 DKK D . -1.31 11.40 12.05
C15 DKK D . -0.27 12.33 11.82
C16 DKK D . 0.45 12.29 10.58
C19 DKK D . -2.74 9.42 11.30
C22 DKK D . 1.82 14.15 11.48
C30 DKK D . 3.31 10.17 13.42
C31 DKK D . 3.50 11.30 12.65
N2 DKK D . 3.69 10.19 3.01
N3 DKK D . 3.47 12.55 3.00
N4 DKK D . 1.80 11.07 4.11
C6 DKK D . 0.39 9.13 4.14
N8 DKK D . -0.73 9.25 6.32
O10 DKK D . -1.75 11.09 7.27
C17 DKK D . 0.14 11.32 9.61
F18 DKK D . 0.82 11.28 8.43
N20 DKK D . -3.56 8.66 11.46
N21 DKK D . 1.54 13.26 10.37
C23 DKK D . 3.15 13.78 12.15
F24 DKK D . 4.12 13.45 11.26
F25 DKK D . 3.58 14.86 12.88
C26 DKK D . 2.95 12.55 13.05
N27 DKK D . 2.18 12.63 14.19
C28 DKK D . 1.98 11.49 14.96
C29 DKK D . 2.54 10.24 14.58
#